data_1GYB
#
_entry.id   1GYB
#
_cell.length_a   58.840
_cell.length_b   84.060
_cell.length_c   61.790
_cell.angle_alpha   90.00
_cell.angle_beta   116.00
_cell.angle_gamma   90.00
#
_symmetry.space_group_name_H-M   'P 1 21 1'
#
loop_
_entity.id
_entity.type
_entity.pdbx_description
1 polymer 'NUCLEAR TRANSPORT FACTOR 2'
2 polymer NUCLEOPORIN
3 water water
#
loop_
_entity_poly.entity_id
_entity_poly.type
_entity_poly.pdbx_seq_one_letter_code
_entity_poly.pdbx_strand_id
1 'polypeptide(L)'
;MSLDFNTLAQNFTQFYYNQFDTDRSQLGNLYRNESMLTFETSQLQGAKDIVEKLVSLPFQKVQHRITTLDAQPASPYGDV
LVMITGDLLIDEEQNPQRFSQVFHLIPDGNSYYVFNDIFRLNYSA
;
A,B,C,D
2 'polypeptide(L)' DSGFSFGSK E,F,G,H
#
# COMPACT_ATOMS: atom_id res chain seq x y z
N LEU A 3 7.04 -3.17 34.55
CA LEU A 3 7.19 -4.53 33.94
C LEU A 3 5.85 -5.03 33.41
N ASP A 4 4.98 -5.41 34.33
CA ASP A 4 3.67 -5.90 33.93
C ASP A 4 2.82 -4.71 33.47
N PHE A 5 2.93 -4.37 32.18
CA PHE A 5 2.17 -3.25 31.62
C PHE A 5 0.68 -3.54 31.52
N ASN A 6 0.32 -4.82 31.62
CA ASN A 6 -1.08 -5.21 31.56
C ASN A 6 -1.75 -4.87 32.90
N THR A 7 -1.06 -5.18 33.99
CA THR A 7 -1.56 -4.91 35.33
C THR A 7 -1.49 -3.41 35.59
N LEU A 8 -0.45 -2.78 35.06
CA LEU A 8 -0.27 -1.33 35.21
C LEU A 8 -1.49 -0.64 34.61
N ALA A 9 -1.85 -1.05 33.39
CA ALA A 9 -2.99 -0.49 32.67
C ALA A 9 -4.29 -0.71 33.43
N GLN A 10 -4.47 -1.92 33.95
CA GLN A 10 -5.69 -2.25 34.69
C GLN A 10 -5.83 -1.28 35.86
N ASN A 11 -4.77 -1.16 36.65
CA ASN A 11 -4.76 -0.28 37.82
C ASN A 11 -4.99 1.19 37.46
N PHE A 12 -4.25 1.70 36.49
CA PHE A 12 -4.42 3.09 36.10
C PHE A 12 -5.81 3.38 35.57
N THR A 13 -6.26 2.59 34.60
CA THR A 13 -7.57 2.79 34.00
C THR A 13 -8.69 2.73 35.04
N GLN A 14 -8.57 1.78 35.96
CA GLN A 14 -9.57 1.63 37.00
C GLN A 14 -9.61 2.89 37.87
N PHE A 15 -8.43 3.42 38.18
CA PHE A 15 -8.32 4.64 38.98
C PHE A 15 -8.91 5.81 38.21
N TYR A 16 -8.49 5.94 36.96
CA TYR A 16 -8.96 7.03 36.11
C TYR A 16 -10.48 7.06 35.93
N TYR A 17 -11.07 5.94 35.54
CA TYR A 17 -12.51 5.90 35.33
C TYR A 17 -13.26 6.02 36.65
N ASN A 18 -12.68 5.51 37.73
CA ASN A 18 -13.33 5.62 39.03
C ASN A 18 -13.44 7.10 39.42
N GLN A 19 -12.35 7.84 39.17
CA GLN A 19 -12.32 9.26 39.49
C GLN A 19 -13.25 10.04 38.54
N PHE A 20 -13.22 9.67 37.27
CA PHE A 20 -14.05 10.32 36.25
C PHE A 20 -15.53 10.18 36.62
N ASP A 21 -15.91 8.96 37.00
CA ASP A 21 -17.30 8.69 37.37
C ASP A 21 -17.69 9.31 38.71
N THR A 22 -16.71 9.53 39.59
CA THR A 22 -16.97 10.11 40.90
C THR A 22 -17.01 11.64 40.87
N ASP A 23 -15.90 12.23 40.44
CA ASP A 23 -15.79 13.68 40.35
C ASP A 23 -14.71 14.00 39.32
N ARG A 24 -15.13 14.19 38.07
CA ARG A 24 -14.19 14.49 36.99
C ARG A 24 -13.41 15.78 37.15
N SER A 25 -13.94 16.72 37.95
CA SER A 25 -13.25 17.99 38.14
C SER A 25 -11.91 17.79 38.85
N GLN A 26 -11.67 16.60 39.39
CA GLN A 26 -10.43 16.30 40.11
C GLN A 26 -9.42 15.45 39.32
N LEU A 27 -9.62 15.35 38.01
CA LEU A 27 -8.71 14.56 37.15
C LEU A 27 -7.47 15.35 36.74
N GLY A 28 -7.42 16.62 37.13
CA GLY A 28 -6.31 17.48 36.77
C GLY A 28 -4.89 17.00 37.02
N ASN A 29 -4.65 16.39 38.18
CA ASN A 29 -3.29 15.94 38.50
C ASN A 29 -2.82 14.75 37.67
N LEU A 30 -3.68 14.23 36.80
CA LEU A 30 -3.32 13.11 35.95
C LEU A 30 -2.86 13.61 34.58
N TYR A 31 -2.91 14.93 34.42
CA TYR A 31 -2.52 15.58 33.18
C TYR A 31 -1.42 16.60 33.47
N ARG A 32 -0.70 17.01 32.43
CA ARG A 32 0.37 18.00 32.56
C ARG A 32 0.19 19.07 31.49
N ASN A 33 1.09 20.06 31.48
CA ASN A 33 0.99 21.14 30.51
C ASN A 33 1.01 20.69 29.04
N GLU A 34 1.83 19.70 28.73
CA GLU A 34 1.95 19.20 27.36
C GLU A 34 0.84 18.23 26.95
N SER A 35 0.07 17.77 27.93
CA SER A 35 -0.99 16.79 27.67
C SER A 35 -2.01 17.25 26.63
N MET A 36 -2.48 16.29 25.84
CA MET A 36 -3.44 16.57 24.80
C MET A 36 -4.65 15.64 24.88
N LEU A 37 -5.84 16.24 24.75
CA LEU A 37 -7.09 15.49 24.78
C LEU A 37 -7.87 15.75 23.50
N THR A 38 -8.26 14.67 22.83
CA THR A 38 -9.09 14.81 21.66
C THR A 38 -10.37 14.17 22.12
N PHE A 39 -11.36 14.99 22.44
CA PHE A 39 -12.64 14.49 22.89
C PHE A 39 -13.55 14.64 21.69
N GLU A 40 -13.66 13.56 20.93
CA GLU A 40 -14.47 13.56 19.72
C GLU A 40 -13.97 14.70 18.83
N THR A 41 -14.75 15.75 18.61
CA THR A 41 -14.28 16.83 17.75
C THR A 41 -13.56 17.96 18.49
N SER A 42 -13.49 17.87 19.82
CA SER A 42 -12.82 18.89 20.62
C SER A 42 -11.35 18.53 20.86
N GLN A 43 -10.45 19.48 20.60
CA GLN A 43 -9.03 19.27 20.80
C GLN A 43 -8.50 20.23 21.87
N LEU A 44 -8.05 19.70 22.99
CA LEU A 44 -7.54 20.53 24.07
C LEU A 44 -6.11 20.16 24.48
N GLN A 45 -5.38 21.13 25.02
CA GLN A 45 -4.02 20.90 25.49
C GLN A 45 -3.82 21.56 26.85
N GLY A 46 -3.24 20.83 27.79
CA GLY A 46 -2.99 21.33 29.13
C GLY A 46 -4.07 20.89 30.12
N ALA A 47 -3.67 20.59 31.36
CA ALA A 47 -4.62 20.14 32.37
C ALA A 47 -5.85 21.04 32.57
N LYS A 48 -5.64 22.35 32.57
CA LYS A 48 -6.74 23.30 32.76
C LYS A 48 -7.84 23.15 31.70
N ASP A 49 -7.46 23.26 30.44
CA ASP A 49 -8.43 23.16 29.34
C ASP A 49 -9.03 21.76 29.23
N ILE A 50 -8.24 20.73 29.50
CA ILE A 50 -8.71 19.36 29.44
C ILE A 50 -9.77 19.11 30.51
N VAL A 51 -9.47 19.46 31.76
CA VAL A 51 -10.45 19.27 32.82
C VAL A 51 -11.70 20.12 32.56
N GLU A 52 -11.50 21.32 32.02
CA GLU A 52 -12.61 22.21 31.73
C GLU A 52 -13.59 21.54 30.77
N LYS A 53 -13.05 20.89 29.74
CA LYS A 53 -13.88 20.21 28.75
C LYS A 53 -14.66 19.08 29.41
N LEU A 54 -13.98 18.26 30.21
CA LEU A 54 -14.65 17.15 30.86
C LEU A 54 -15.74 17.63 31.81
N VAL A 55 -15.46 18.70 32.54
CA VAL A 55 -16.43 19.25 33.48
C VAL A 55 -17.63 19.87 32.74
N SER A 56 -17.39 20.35 31.52
CA SER A 56 -18.48 20.96 30.75
C SER A 56 -19.52 19.96 30.26
N LEU A 57 -19.16 18.67 30.23
CA LEU A 57 -20.12 17.65 29.78
C LEU A 57 -21.30 17.77 30.75
N PRO A 58 -22.47 18.13 30.20
CA PRO A 58 -23.73 18.33 30.93
C PRO A 58 -24.47 17.19 31.63
N PHE A 59 -23.81 16.06 31.92
CA PHE A 59 -24.53 14.99 32.60
C PHE A 59 -24.38 15.10 34.11
N GLN A 60 -25.33 14.50 34.84
CA GLN A 60 -25.31 14.52 36.30
C GLN A 60 -24.65 13.24 36.83
N LYS A 61 -24.78 12.17 36.06
CA LYS A 61 -24.18 10.89 36.45
C LYS A 61 -23.65 10.15 35.23
N VAL A 62 -22.54 9.46 35.41
CA VAL A 62 -21.93 8.71 34.32
C VAL A 62 -21.23 7.48 34.91
N GLN A 63 -21.21 6.41 34.14
CA GLN A 63 -20.56 5.17 34.57
C GLN A 63 -19.88 4.51 33.39
N HIS A 64 -18.58 4.27 33.54
CA HIS A 64 -17.80 3.59 32.51
C HIS A 64 -17.79 2.09 32.81
N ARG A 65 -18.06 1.28 31.79
CA ARG A 65 -18.05 -0.17 31.91
C ARG A 65 -17.10 -0.71 30.84
N ILE A 66 -15.90 -1.09 31.27
CA ILE A 66 -14.89 -1.62 30.35
C ILE A 66 -15.21 -3.00 29.80
N THR A 67 -15.13 -3.16 28.48
CA THR A 67 -15.39 -4.46 27.87
C THR A 67 -14.08 -5.05 27.31
N THR A 68 -13.11 -4.20 26.98
CA THR A 68 -11.82 -4.69 26.52
C THR A 68 -10.73 -3.72 26.95
N LEU A 69 -9.57 -4.27 27.29
CA LEU A 69 -8.45 -3.46 27.68
C LEU A 69 -7.19 -4.13 27.15
N ASP A 70 -6.33 -3.34 26.54
CA ASP A 70 -5.08 -3.84 25.98
C ASP A 70 -4.00 -2.83 26.26
N ALA A 71 -2.77 -3.32 26.41
CA ALA A 71 -1.65 -2.44 26.70
C ALA A 71 -0.37 -3.00 26.14
N GLN A 72 0.50 -2.10 25.70
CA GLN A 72 1.80 -2.49 25.16
C GLN A 72 2.79 -1.41 25.54
N PRO A 73 4.08 -1.77 25.69
CA PRO A 73 5.02 -0.70 26.02
C PRO A 73 5.09 0.21 24.79
N ALA A 74 5.03 1.52 24.99
CA ALA A 74 5.06 2.45 23.87
C ALA A 74 6.47 2.68 23.32
N SER A 75 7.48 2.30 24.10
CA SER A 75 8.89 2.41 23.70
C SER A 75 9.68 1.58 24.71
N PRO A 76 11.00 1.52 24.57
CA PRO A 76 11.76 0.71 25.53
C PRO A 76 11.98 1.47 26.84
N TYR A 77 11.50 2.70 26.92
CA TYR A 77 11.74 3.51 28.10
C TYR A 77 10.67 3.73 29.15
N GLY A 78 9.80 2.75 29.36
CA GLY A 78 8.80 2.88 30.41
C GLY A 78 7.42 3.41 30.11
N ASP A 79 7.22 4.09 28.99
CA ASP A 79 5.90 4.61 28.69
C ASP A 79 4.99 3.51 28.18
N VAL A 80 3.68 3.69 28.38
CA VAL A 80 2.72 2.67 28.00
C VAL A 80 1.55 3.16 27.18
N LEU A 81 1.12 2.31 26.24
CA LEU A 81 -0.01 2.61 25.39
C LEU A 81 -1.15 1.72 25.86
N VAL A 82 -2.32 2.31 26.09
CA VAL A 82 -3.47 1.55 26.55
C VAL A 82 -4.70 1.85 25.71
N MET A 83 -5.35 0.82 25.18
CA MET A 83 -6.56 1.00 24.39
C MET A 83 -7.73 0.40 25.16
N ILE A 84 -8.83 1.15 25.23
CA ILE A 84 -10.01 0.69 25.95
C ILE A 84 -11.27 0.79 25.08
N THR A 85 -12.14 -0.19 25.19
CA THR A 85 -13.42 -0.13 24.50
C THR A 85 -14.41 -0.54 25.58
N GLY A 86 -15.60 0.06 25.56
CA GLY A 86 -16.57 -0.27 26.58
C GLY A 86 -17.89 0.43 26.39
N ASP A 87 -18.70 0.38 27.44
CA ASP A 87 -20.03 0.98 27.46
C ASP A 87 -20.04 2.18 28.38
N LEU A 88 -20.68 3.25 27.94
CA LEU A 88 -20.78 4.47 28.75
C LEU A 88 -22.26 4.71 29.07
N LEU A 89 -22.62 4.62 30.35
CA LEU A 89 -23.99 4.83 30.80
C LEU A 89 -24.15 6.26 31.30
N ILE A 90 -24.94 7.05 30.57
CA ILE A 90 -25.15 8.46 30.91
C ILE A 90 -26.49 8.69 31.60
N ASP A 91 -26.42 9.33 32.78
CA ASP A 91 -27.62 9.64 33.55
C ASP A 91 -28.44 8.37 33.79
N GLU A 92 -29.75 8.47 33.65
CA GLU A 92 -30.60 7.31 33.87
C GLU A 92 -30.88 6.52 32.60
N GLU A 93 -30.13 6.80 31.54
CA GLU A 93 -30.32 6.09 30.28
C GLU A 93 -30.06 4.60 30.49
N GLN A 94 -30.97 3.77 30.00
CA GLN A 94 -30.83 2.32 30.15
C GLN A 94 -29.86 1.74 29.13
N ASN A 95 -29.94 2.21 27.89
CA ASN A 95 -29.07 1.74 26.83
C ASN A 95 -27.76 2.53 26.79
N PRO A 96 -26.63 1.87 27.04
CA PRO A 96 -25.33 2.52 27.03
C PRO A 96 -24.82 2.89 25.65
N GLN A 97 -23.86 3.81 25.63
CA GLN A 97 -23.23 4.24 24.39
C GLN A 97 -21.88 3.53 24.31
N ARG A 98 -21.44 3.18 23.11
CA ARG A 98 -20.14 2.52 22.96
C ARG A 98 -19.06 3.58 22.87
N PHE A 99 -17.94 3.35 23.54
CA PHE A 99 -16.83 4.29 23.48
C PHE A 99 -15.50 3.54 23.27
N SER A 100 -14.52 4.26 22.74
CA SER A 100 -13.19 3.71 22.53
C SER A 100 -12.25 4.80 23.03
N GLN A 101 -11.16 4.41 23.68
CA GLN A 101 -10.22 5.40 24.21
C GLN A 101 -8.81 4.86 24.22
N VAL A 102 -7.84 5.74 23.96
CA VAL A 102 -6.46 5.34 24.01
C VAL A 102 -5.71 6.35 24.88
N PHE A 103 -4.85 5.83 25.75
CA PHE A 103 -4.04 6.68 26.62
C PHE A 103 -2.57 6.35 26.36
N HIS A 104 -1.73 7.37 26.37
CA HIS A 104 -0.29 7.17 26.24
C HIS A 104 0.16 7.65 27.62
N LEU A 105 0.59 6.69 28.46
CA LEU A 105 1.00 6.97 29.83
C LEU A 105 2.50 7.14 29.96
N ILE A 106 2.90 8.21 30.65
CA ILE A 106 4.30 8.53 30.86
C ILE A 106 4.63 8.31 32.34
N PRO A 107 5.72 7.59 32.63
CA PRO A 107 6.06 7.36 34.04
C PRO A 107 6.58 8.64 34.67
N ASP A 108 5.83 9.12 35.64
CA ASP A 108 6.15 10.33 36.36
C ASP A 108 6.87 9.90 37.63
N GLY A 109 8.17 9.68 37.47
CA GLY A 109 8.97 9.23 38.59
C GLY A 109 8.50 7.87 39.05
N ASN A 110 7.58 7.87 40.01
CA ASN A 110 7.03 6.65 40.59
C ASN A 110 5.54 6.45 40.32
N SER A 111 4.99 7.19 39.36
CA SER A 111 3.58 7.08 38.98
C SER A 111 3.46 7.44 37.49
N TYR A 112 2.24 7.68 37.02
CA TYR A 112 2.05 8.02 35.62
C TYR A 112 1.10 9.18 35.41
N TYR A 113 1.26 9.83 34.26
CA TYR A 113 0.40 10.92 33.86
C TYR A 113 0.06 10.69 32.39
N VAL A 114 -1.06 11.26 31.96
CA VAL A 114 -1.53 11.08 30.59
C VAL A 114 -0.96 12.13 29.65
N PHE A 115 -0.22 11.66 28.65
CA PHE A 115 0.36 12.54 27.64
C PHE A 115 -0.65 12.64 26.49
N ASN A 116 -1.16 11.49 26.06
CA ASN A 116 -2.15 11.43 24.97
C ASN A 116 -3.43 10.83 25.48
N ASP A 117 -4.55 11.47 25.15
CA ASP A 117 -5.86 10.98 25.53
C ASP A 117 -6.75 11.19 24.29
N ILE A 118 -7.16 10.09 23.66
CA ILE A 118 -8.03 10.19 22.49
C ILE A 118 -9.31 9.42 22.84
N PHE A 119 -10.45 10.12 22.77
CA PHE A 119 -11.74 9.54 23.13
C PHE A 119 -12.80 9.71 22.05
N ARG A 120 -13.57 8.65 21.82
CA ARG A 120 -14.63 8.66 20.82
C ARG A 120 -15.81 7.78 21.19
N LEU A 121 -17.02 8.27 20.88
CA LEU A 121 -18.21 7.46 21.09
C LEU A 121 -18.38 6.83 19.71
N ASN A 122 -18.71 5.54 19.68
CA ASN A 122 -18.86 4.81 18.41
C ASN A 122 -20.33 4.49 18.16
N TYR A 123 -20.83 4.89 16.99
CA TYR A 123 -22.23 4.65 16.67
C TYR A 123 -22.47 3.58 15.60
N SER A 124 -23.52 2.80 15.82
CA SER A 124 -23.88 1.73 14.87
C SER A 124 -24.64 2.29 13.68
N LEU B 3 -6.94 17.89 9.41
CA LEU B 3 -5.89 18.51 10.27
C LEU B 3 -4.53 18.22 9.63
N ASP B 4 -3.49 18.22 10.45
CA ASP B 4 -2.14 17.93 9.98
C ASP B 4 -1.85 16.50 10.39
N PHE B 5 -1.85 16.25 11.70
CA PHE B 5 -1.61 14.91 12.22
C PHE B 5 -2.70 13.95 11.79
N ASN B 6 -3.91 14.45 11.59
CA ASN B 6 -5.00 13.59 11.14
C ASN B 6 -4.77 13.27 9.66
N THR B 7 -4.26 14.25 8.91
CA THR B 7 -3.98 14.06 7.49
C THR B 7 -2.74 13.20 7.32
N LEU B 8 -1.73 13.44 8.15
CA LEU B 8 -0.49 12.67 8.10
C LEU B 8 -0.82 11.22 8.47
N ALA B 9 -1.60 11.05 9.54
CA ALA B 9 -1.99 9.74 10.00
C ALA B 9 -2.87 9.04 8.97
N GLN B 10 -3.81 9.79 8.40
CA GLN B 10 -4.71 9.23 7.40
C GLN B 10 -3.94 8.76 6.18
N ASN B 11 -3.03 9.59 5.68
CA ASN B 11 -2.24 9.22 4.52
C ASN B 11 -1.65 7.82 4.73
N PHE B 12 -0.94 7.64 5.83
CA PHE B 12 -0.32 6.36 6.11
C PHE B 12 -1.32 5.23 6.35
N THR B 13 -2.35 5.51 7.14
CA THR B 13 -3.36 4.50 7.43
C THR B 13 -4.04 3.97 6.18
N GLN B 14 -4.32 4.86 5.23
CA GLN B 14 -4.97 4.44 3.99
C GLN B 14 -4.03 3.51 3.22
N PHE B 15 -2.74 3.86 3.22
CA PHE B 15 -1.71 3.08 2.55
C PHE B 15 -1.67 1.69 3.20
N TYR B 16 -1.64 1.69 4.53
CA TYR B 16 -1.60 0.44 5.29
C TYR B 16 -2.82 -0.44 4.98
N TYR B 17 -4.02 0.12 5.06
CA TYR B 17 -5.20 -0.67 4.78
C TYR B 17 -5.30 -1.10 3.32
N ASN B 18 -4.82 -0.25 2.41
CA ASN B 18 -4.84 -0.61 1.00
C ASN B 18 -4.01 -1.86 0.78
N GLN B 19 -2.88 -1.94 1.46
CA GLN B 19 -2.02 -3.11 1.32
C GLN B 19 -2.59 -4.31 2.06
N PHE B 20 -3.28 -4.05 3.17
CA PHE B 20 -3.88 -5.12 3.95
C PHE B 20 -4.99 -5.76 3.13
N ASP B 21 -5.81 -4.93 2.51
CA ASP B 21 -6.94 -5.40 1.72
C ASP B 21 -6.59 -6.09 0.39
N THR B 22 -5.42 -5.78 -0.16
CA THR B 22 -5.02 -6.41 -1.42
C THR B 22 -4.21 -7.68 -1.16
N ASP B 23 -3.35 -7.65 -0.15
CA ASP B 23 -2.56 -8.82 0.22
C ASP B 23 -1.84 -8.57 1.54
N ARG B 24 -2.46 -8.99 2.63
CA ARG B 24 -1.87 -8.77 3.94
C ARG B 24 -0.56 -9.50 4.19
N SER B 25 -0.20 -10.43 3.31
CA SER B 25 1.06 -11.16 3.48
C SER B 25 2.26 -10.30 3.07
N GLN B 26 1.99 -9.13 2.48
CA GLN B 26 3.06 -8.23 2.03
C GLN B 26 3.25 -7.01 2.93
N LEU B 27 2.71 -7.06 4.14
CA LEU B 27 2.79 -5.94 5.10
C LEU B 27 4.08 -5.88 5.92
N GLY B 28 4.92 -6.90 5.77
CA GLY B 28 6.16 -6.97 6.53
C GLY B 28 7.02 -5.72 6.62
N ASN B 29 7.13 -5.01 5.50
CA ASN B 29 7.95 -3.80 5.43
C ASN B 29 7.43 -2.65 6.30
N LEU B 30 6.20 -2.77 6.78
CA LEU B 30 5.65 -1.71 7.61
C LEU B 30 5.84 -1.97 9.10
N TYR B 31 6.53 -3.07 9.41
CA TYR B 31 6.80 -3.45 10.79
C TYR B 31 8.32 -3.66 10.94
N ARG B 32 8.81 -3.63 12.18
CA ARG B 32 10.23 -3.81 12.45
C ARG B 32 10.40 -4.91 13.51
N ASN B 33 11.65 -5.23 13.88
CA ASN B 33 11.90 -6.29 14.86
C ASN B 33 11.27 -6.08 16.22
N GLU B 34 11.25 -4.84 16.68
CA GLU B 34 10.66 -4.59 17.98
C GLU B 34 9.17 -4.27 17.93
N SER B 35 8.57 -4.24 16.74
CA SER B 35 7.14 -3.93 16.62
C SER B 35 6.30 -4.96 17.35
N MET B 36 5.17 -4.53 17.90
CA MET B 36 4.28 -5.43 18.62
C MET B 36 2.85 -5.38 18.10
N LEU B 37 2.21 -6.54 18.06
CA LEU B 37 0.82 -6.63 17.65
C LEU B 37 0.03 -7.34 18.72
N THR B 38 -1.09 -6.75 19.11
CA THR B 38 -1.99 -7.39 20.07
C THR B 38 -3.30 -7.42 19.31
N PHE B 39 -3.65 -8.61 18.83
CA PHE B 39 -4.84 -8.85 18.03
C PHE B 39 -5.78 -9.76 18.85
N GLU B 40 -6.87 -9.20 19.35
CA GLU B 40 -7.82 -9.94 20.17
C GLU B 40 -7.07 -10.74 21.24
N THR B 41 -6.19 -10.04 21.95
CA THR B 41 -5.36 -10.57 23.04
C THR B 41 -4.11 -11.34 22.59
N SER B 42 -4.11 -11.81 21.34
CA SER B 42 -2.96 -12.55 20.83
C SER B 42 -1.79 -11.58 20.66
N GLN B 43 -0.67 -11.88 21.32
CA GLN B 43 0.51 -11.02 21.26
C GLN B 43 1.63 -11.55 20.39
N LEU B 44 2.08 -10.70 19.46
CA LEU B 44 3.15 -11.05 18.53
C LEU B 44 4.18 -9.91 18.48
N GLN B 45 5.46 -10.26 18.35
CA GLN B 45 6.51 -9.25 18.25
C GLN B 45 7.38 -9.53 17.02
N GLY B 46 7.63 -8.51 16.22
CA GLY B 46 8.45 -8.67 15.03
C GLY B 46 7.62 -8.87 13.76
N ALA B 47 8.11 -8.31 12.66
CA ALA B 47 7.43 -8.39 11.36
C ALA B 47 7.03 -9.80 10.96
N LYS B 48 7.94 -10.75 11.13
CA LYS B 48 7.66 -12.13 10.75
C LYS B 48 6.44 -12.71 11.45
N ASP B 49 6.45 -12.69 12.77
CA ASP B 49 5.34 -13.23 13.56
C ASP B 49 4.05 -12.43 13.41
N ILE B 50 4.20 -11.12 13.25
CA ILE B 50 3.03 -10.25 13.10
C ILE B 50 2.30 -10.54 11.79
N VAL B 51 3.06 -10.64 10.70
CA VAL B 51 2.47 -10.90 9.40
C VAL B 51 1.89 -12.32 9.38
N GLU B 52 2.57 -13.26 10.03
CA GLU B 52 2.08 -14.63 10.07
C GLU B 52 0.68 -14.65 10.66
N LYS B 53 0.51 -13.91 11.76
CA LYS B 53 -0.77 -13.82 12.43
C LYS B 53 -1.84 -13.24 11.50
N LEU B 54 -1.53 -12.10 10.89
CA LEU B 54 -2.49 -11.45 9.99
C LEU B 54 -2.84 -12.37 8.82
N VAL B 55 -1.85 -13.05 8.29
CA VAL B 55 -2.08 -13.97 7.17
C VAL B 55 -2.99 -15.10 7.63
N SER B 56 -2.75 -15.59 8.84
CA SER B 56 -3.54 -16.70 9.40
C SER B 56 -5.01 -16.40 9.60
N LEU B 57 -5.37 -15.11 9.68
CA LEU B 57 -6.77 -14.74 9.84
C LEU B 57 -7.61 -15.49 8.82
N PRO B 58 -8.69 -16.14 9.28
CA PRO B 58 -9.63 -16.94 8.48
C PRO B 58 -10.60 -16.28 7.51
N PHE B 59 -10.07 -15.66 6.46
CA PHE B 59 -10.91 -15.06 5.43
C PHE B 59 -10.13 -14.78 4.14
N GLN B 60 -10.80 -14.99 3.02
CA GLN B 60 -10.18 -14.81 1.71
C GLN B 60 -10.03 -13.33 1.36
N LYS B 61 -11.16 -12.64 1.20
CA LYS B 61 -11.15 -11.23 0.86
C LYS B 61 -11.50 -10.38 2.07
N VAL B 62 -10.97 -9.17 2.11
CA VAL B 62 -11.24 -8.25 3.21
C VAL B 62 -11.13 -6.82 2.72
N GLN B 63 -12.01 -5.98 3.25
CA GLN B 63 -12.04 -4.57 2.90
C GLN B 63 -12.28 -3.77 4.17
N HIS B 64 -11.47 -2.73 4.37
CA HIS B 64 -11.61 -1.87 5.53
C HIS B 64 -12.40 -0.62 5.16
N ARG B 65 -13.36 -0.25 5.98
CA ARG B 65 -14.16 0.96 5.79
C ARG B 65 -13.95 1.78 7.06
N ILE B 66 -13.30 2.94 6.94
CA ILE B 66 -13.03 3.78 8.11
C ILE B 66 -14.18 4.68 8.51
N THR B 67 -14.57 4.61 9.78
CA THR B 67 -15.66 5.44 10.29
C THR B 67 -15.08 6.68 10.97
N THR B 68 -14.14 6.48 11.87
CA THR B 68 -13.50 7.60 12.57
C THR B 68 -12.00 7.37 12.64
N LEU B 69 -11.25 8.45 12.59
CA LEU B 69 -9.81 8.39 12.67
C LEU B 69 -9.38 9.64 13.41
N ASP B 70 -8.65 9.45 14.51
CA ASP B 70 -8.18 10.56 15.31
C ASP B 70 -6.70 10.36 15.62
N ALA B 71 -5.92 11.41 15.42
CA ALA B 71 -4.49 11.32 15.66
C ALA B 71 -3.93 12.46 16.50
N GLN B 72 -2.80 12.20 17.14
CA GLN B 72 -2.11 13.18 17.96
C GLN B 72 -0.63 12.86 17.90
N PRO B 73 0.23 13.86 18.14
CA PRO B 73 1.66 13.53 18.11
C PRO B 73 1.88 12.70 19.37
N ALA B 74 2.58 11.58 19.25
CA ALA B 74 2.80 10.69 20.39
C ALA B 74 3.88 11.19 21.33
N SER B 75 4.66 12.16 20.84
CA SER B 75 5.72 12.76 21.62
C SER B 75 6.11 14.01 20.86
N PRO B 76 7.04 14.81 21.41
CA PRO B 76 7.44 16.03 20.72
C PRO B 76 8.34 15.78 19.52
N TYR B 77 8.80 14.54 19.39
CA TYR B 77 9.78 14.22 18.36
C TYR B 77 9.41 13.67 16.98
N GLY B 78 8.13 13.56 16.65
CA GLY B 78 7.79 13.08 15.31
C GLY B 78 6.89 11.86 15.20
N ASP B 79 6.85 11.00 16.22
CA ASP B 79 5.99 9.83 16.14
C ASP B 79 4.53 10.23 16.29
N VAL B 80 3.63 9.38 15.81
CA VAL B 80 2.22 9.70 15.83
C VAL B 80 1.38 8.56 16.42
N LEU B 81 0.32 8.96 17.13
CA LEU B 81 -0.61 7.99 17.71
C LEU B 81 -1.94 8.21 17.00
N VAL B 82 -2.54 7.13 16.51
CA VAL B 82 -3.81 7.25 15.81
C VAL B 82 -4.77 6.17 16.30
N MET B 83 -6.03 6.55 16.51
CA MET B 83 -7.04 5.58 16.92
C MET B 83 -8.09 5.55 15.82
N ILE B 84 -8.45 4.35 15.40
CA ILE B 84 -9.40 4.17 14.32
C ILE B 84 -10.54 3.23 14.67
N THR B 85 -11.74 3.58 14.22
CA THR B 85 -12.88 2.70 14.38
C THR B 85 -13.48 2.58 12.98
N GLY B 86 -13.81 1.36 12.59
CA GLY B 86 -14.35 1.17 11.26
C GLY B 86 -14.98 -0.20 11.09
N ASP B 87 -15.22 -0.56 9.85
CA ASP B 87 -15.83 -1.83 9.51
C ASP B 87 -14.92 -2.72 8.68
N LEU B 88 -15.03 -4.01 8.94
CA LEU B 88 -14.26 -5.00 8.20
C LEU B 88 -15.30 -5.76 7.38
N LEU B 89 -15.17 -5.73 6.06
CA LEU B 89 -16.08 -6.45 5.18
C LEU B 89 -15.31 -7.62 4.60
N ILE B 90 -15.68 -8.84 5.00
CA ILE B 90 -14.98 -10.03 4.53
C ILE B 90 -15.80 -10.90 3.58
N ASP B 91 -15.09 -11.63 2.72
CA ASP B 91 -15.72 -12.53 1.75
C ASP B 91 -16.87 -11.85 1.00
N GLU B 92 -16.67 -10.58 0.68
CA GLU B 92 -17.68 -9.81 -0.06
C GLU B 92 -19.04 -9.77 0.61
N GLU B 93 -19.07 -10.00 1.91
CA GLU B 93 -20.32 -9.97 2.64
C GLU B 93 -20.70 -8.53 2.99
N GLN B 94 -22.00 -8.23 2.88
CA GLN B 94 -22.50 -6.90 3.18
C GLN B 94 -22.42 -6.58 4.67
N ASN B 95 -22.85 -7.53 5.50
CA ASN B 95 -22.83 -7.35 6.95
C ASN B 95 -21.40 -7.07 7.43
N PRO B 96 -21.17 -5.85 7.96
CA PRO B 96 -19.86 -5.43 8.46
C PRO B 96 -19.48 -5.95 9.84
N GLN B 97 -18.18 -6.08 10.07
CA GLN B 97 -17.63 -6.54 11.34
C GLN B 97 -16.88 -5.32 11.86
N ARG B 98 -17.46 -4.61 12.82
CA ARG B 98 -16.82 -3.42 13.37
C ARG B 98 -15.58 -3.70 14.20
N PHE B 99 -14.63 -2.78 14.15
CA PHE B 99 -13.37 -2.93 14.87
C PHE B 99 -12.83 -1.57 15.35
N SER B 100 -11.91 -1.63 16.30
CA SER B 100 -11.24 -0.43 16.81
C SER B 100 -9.76 -0.77 16.74
N GLN B 101 -8.93 0.18 16.32
CA GLN B 101 -7.51 -0.08 16.19
C GLN B 101 -6.67 1.13 16.58
N VAL B 102 -5.50 0.88 17.16
CA VAL B 102 -4.59 1.96 17.52
C VAL B 102 -3.22 1.64 16.93
N PHE B 103 -2.57 2.63 16.33
CA PHE B 103 -1.24 2.46 15.77
C PHE B 103 -0.33 3.51 16.40
N HIS B 104 0.91 3.14 16.69
CA HIS B 104 1.90 4.09 17.16
C HIS B 104 2.85 4.07 15.96
N LEU B 105 2.89 5.17 15.21
CA LEU B 105 3.71 5.27 14.01
C LEU B 105 5.04 5.99 14.22
N ILE B 106 6.13 5.40 13.72
CA ILE B 106 7.46 5.99 13.83
C ILE B 106 7.94 6.44 12.46
N PRO B 107 8.46 7.67 12.35
CA PRO B 107 8.94 8.18 11.07
C PRO B 107 10.05 7.33 10.45
N ASP B 108 10.01 7.21 9.13
CA ASP B 108 11.02 6.46 8.38
C ASP B 108 11.01 7.11 7.00
N GLY B 109 11.94 8.02 6.76
CA GLY B 109 11.97 8.72 5.49
C GLY B 109 10.74 9.59 5.44
N ASN B 110 10.00 9.53 4.33
CA ASN B 110 8.79 10.33 4.19
C ASN B 110 7.56 9.52 4.59
N SER B 111 7.80 8.33 5.12
CA SER B 111 6.71 7.45 5.56
C SER B 111 6.90 7.09 7.03
N TYR B 112 6.29 5.97 7.43
CA TYR B 112 6.37 5.49 8.81
C TYR B 112 6.38 3.99 8.82
N TYR B 113 6.63 3.43 10.01
CA TYR B 113 6.55 1.99 10.20
C TYR B 113 5.75 1.88 11.49
N VAL B 114 5.09 0.74 11.70
CA VAL B 114 4.27 0.53 12.88
C VAL B 114 5.04 -0.08 14.05
N PHE B 115 5.04 0.60 15.18
CA PHE B 115 5.74 0.11 16.37
C PHE B 115 4.74 -0.58 17.29
N ASN B 116 3.56 0.02 17.44
CA ASN B 116 2.48 -0.53 18.25
C ASN B 116 1.24 -0.68 17.39
N ASP B 117 0.61 -1.85 17.48
CA ASP B 117 -0.60 -2.15 16.73
C ASP B 117 -1.50 -2.91 17.72
N ILE B 118 -2.64 -2.31 18.07
CA ILE B 118 -3.60 -2.93 18.98
C ILE B 118 -4.91 -3.05 18.24
N PHE B 119 -5.44 -4.27 18.13
CA PHE B 119 -6.66 -4.49 17.39
C PHE B 119 -7.73 -5.23 18.19
N ARG B 120 -8.95 -4.74 18.09
CA ARG B 120 -10.08 -5.37 18.78
C ARG B 120 -11.33 -5.34 17.93
N LEU B 121 -12.07 -6.44 17.92
CA LEU B 121 -13.34 -6.46 17.22
C LEU B 121 -14.19 -5.61 18.17
N ASN B 122 -15.23 -4.97 17.65
CA ASN B 122 -16.06 -4.11 18.48
C ASN B 122 -17.51 -4.33 18.06
N TYR B 123 -18.13 -5.37 18.64
CA TYR B 123 -19.50 -5.74 18.32
C TYR B 123 -20.48 -4.59 18.10
N SER B 124 -21.24 -4.67 17.03
CA SER B 124 -22.23 -3.64 16.72
C SER B 124 -23.63 -4.22 16.90
N PHE C 5 21.50 2.58 -24.34
CA PHE C 5 20.43 1.53 -24.34
C PHE C 5 19.27 1.86 -25.26
N ASN C 6 18.98 3.15 -25.44
CA ASN C 6 17.88 3.55 -26.32
C ASN C 6 18.21 3.25 -27.77
N THR C 7 19.44 3.55 -28.17
CA THR C 7 19.87 3.30 -29.54
C THR C 7 19.98 1.79 -29.75
N LEU C 8 20.78 1.15 -28.90
CA LEU C 8 20.97 -0.30 -28.99
C LEU C 8 19.62 -1.02 -28.98
N ALA C 9 18.70 -0.54 -28.17
CA ALA C 9 17.36 -1.14 -28.05
C ALA C 9 16.49 -0.79 -29.27
N GLN C 10 16.55 0.46 -29.70
CA GLN C 10 15.76 0.88 -30.84
C GLN C 10 16.14 0.05 -32.07
N ASN C 11 17.44 -0.12 -32.27
CA ASN C 11 17.96 -0.87 -33.40
C ASN C 11 17.58 -2.35 -33.35
N PHE C 12 17.78 -2.98 -32.20
CA PHE C 12 17.44 -4.39 -32.08
C PHE C 12 15.95 -4.55 -32.33
N THR C 13 15.16 -3.68 -31.71
CA THR C 13 13.71 -3.72 -31.84
C THR C 13 13.29 -3.55 -33.31
N GLN C 14 13.95 -2.67 -34.03
CA GLN C 14 13.63 -2.45 -35.44
C GLN C 14 14.02 -3.69 -36.24
N PHE C 15 15.12 -4.32 -35.85
CA PHE C 15 15.59 -5.52 -36.52
C PHE C 15 14.58 -6.63 -36.32
N TYR C 16 14.08 -6.75 -35.09
CA TYR C 16 13.10 -7.78 -34.76
C TYR C 16 11.85 -7.67 -35.62
N TYR C 17 11.24 -6.48 -35.65
CA TYR C 17 10.02 -6.28 -36.42
C TYR C 17 10.20 -6.42 -37.93
N ASN C 18 11.38 -6.05 -38.43
CA ASN C 18 11.65 -6.18 -39.85
C ASN C 18 11.67 -7.67 -40.19
N GLN C 19 12.27 -8.48 -39.32
CA GLN C 19 12.34 -9.92 -39.57
C GLN C 19 10.95 -10.55 -39.46
N PHE C 20 10.18 -10.09 -38.48
CA PHE C 20 8.82 -10.58 -38.26
C PHE C 20 7.98 -10.30 -39.51
N ASP C 21 8.07 -9.07 -40.01
CA ASP C 21 7.29 -8.67 -41.17
C ASP C 21 7.79 -9.29 -42.47
N THR C 22 9.05 -9.71 -42.49
CA THR C 22 9.65 -10.32 -43.67
C THR C 22 9.44 -11.83 -43.69
N ASP C 23 9.82 -12.50 -42.60
CA ASP C 23 9.67 -13.95 -42.49
C ASP C 23 9.83 -14.33 -41.03
N ARG C 24 8.70 -14.47 -40.34
CA ARG C 24 8.73 -14.80 -38.92
C ARG C 24 9.27 -16.19 -38.59
N SER C 25 9.34 -17.07 -39.58
CA SER C 25 9.86 -18.41 -39.32
C SER C 25 11.35 -18.34 -39.00
N GLN C 26 11.97 -17.20 -39.28
CA GLN C 26 13.40 -17.05 -39.00
C GLN C 26 13.70 -16.26 -37.72
N LEU C 27 12.72 -16.11 -36.84
CA LEU C 27 12.93 -15.37 -35.61
C LEU C 27 13.59 -16.21 -34.51
N GLY C 28 13.77 -17.49 -34.78
CA GLY C 28 14.36 -18.39 -33.80
C GLY C 28 15.70 -18.01 -33.20
N ASN C 29 16.59 -17.44 -33.98
CA ASN C 29 17.89 -17.10 -33.43
C ASN C 29 17.85 -15.93 -32.45
N LEU C 30 16.69 -15.30 -32.30
CA LEU C 30 16.57 -14.17 -31.37
C LEU C 30 16.03 -14.66 -30.03
N TYR C 31 15.78 -15.97 -29.93
CA TYR C 31 15.26 -16.57 -28.70
C TYR C 31 16.17 -17.71 -28.24
N ARG C 32 15.99 -18.14 -26.99
CA ARG C 32 16.79 -19.23 -26.42
C ARG C 32 15.89 -20.24 -25.71
N ASN C 33 16.46 -21.34 -25.22
CA ASN C 33 15.67 -22.36 -24.52
C ASN C 33 14.86 -21.80 -23.34
N GLU C 34 15.42 -20.83 -22.64
CA GLU C 34 14.76 -20.25 -21.48
C GLU C 34 13.73 -19.17 -21.82
N SER C 35 13.76 -18.65 -23.04
CA SER C 35 12.84 -17.58 -23.44
C SER C 35 11.36 -17.89 -23.22
N MET C 36 10.61 -16.86 -22.85
CA MET C 36 9.19 -17.00 -22.61
C MET C 36 8.40 -16.00 -23.41
N LEU C 37 7.33 -16.47 -24.04
CA LEU C 37 6.46 -15.62 -24.83
C LEU C 37 5.04 -15.75 -24.31
N THR C 38 4.42 -14.63 -24.01
CA THR C 38 3.02 -14.63 -23.60
C THR C 38 2.43 -13.88 -24.77
N PHE C 39 1.73 -14.61 -25.63
CA PHE C 39 1.09 -14.03 -26.79
C PHE C 39 -0.40 -14.08 -26.49
N GLU C 40 -0.97 -12.95 -26.06
CA GLU C 40 -2.37 -12.87 -25.69
C GLU C 40 -2.56 -13.90 -24.57
N THR C 41 -3.35 -14.94 -24.82
CA THR C 41 -3.57 -15.98 -23.80
C THR C 41 -2.65 -17.18 -23.95
N SER C 42 -1.79 -17.17 -24.96
CA SER C 42 -0.87 -18.29 -25.18
C SER C 42 0.47 -18.08 -24.48
N GLN C 43 0.92 -19.11 -23.76
CA GLN C 43 2.19 -19.04 -23.06
C GLN C 43 3.13 -20.13 -23.57
N LEU C 44 4.22 -19.70 -24.18
CA LEU C 44 5.19 -20.65 -24.75
C LEU C 44 6.60 -20.40 -24.22
N GLN C 45 7.39 -21.47 -24.18
CA GLN C 45 8.78 -21.39 -23.73
C GLN C 45 9.71 -22.05 -24.74
N GLY C 46 10.82 -21.39 -25.03
CA GLY C 46 11.78 -21.95 -25.96
C GLY C 46 11.59 -21.47 -27.40
N ALA C 47 12.71 -21.32 -28.11
CA ALA C 47 12.68 -20.85 -29.49
C ALA C 47 11.73 -21.66 -30.38
N LYS C 48 11.79 -22.98 -30.27
CA LYS C 48 10.94 -23.85 -31.09
C LYS C 48 9.46 -23.54 -30.95
N ASP C 49 8.94 -23.59 -29.72
CA ASP C 49 7.52 -23.33 -29.50
C ASP C 49 7.12 -21.87 -29.74
N ILE C 50 8.03 -20.95 -29.45
CA ILE C 50 7.74 -19.54 -29.67
C ILE C 50 7.59 -19.26 -31.17
N VAL C 51 8.58 -19.66 -31.96
CA VAL C 51 8.52 -19.44 -33.42
C VAL C 51 7.32 -20.14 -34.01
N GLU C 52 7.02 -21.34 -33.50
CA GLU C 52 5.89 -22.11 -33.99
C GLU C 52 4.58 -21.34 -33.81
N LYS C 53 4.43 -20.69 -32.67
CA LYS C 53 3.23 -19.90 -32.39
C LYS C 53 3.12 -18.73 -33.34
N LEU C 54 4.25 -18.04 -33.53
CA LEU C 54 4.26 -16.87 -34.41
C LEU C 54 3.96 -17.28 -35.84
N VAL C 55 4.56 -18.39 -36.26
CA VAL C 55 4.36 -18.89 -37.62
C VAL C 55 2.91 -19.34 -37.83
N SER C 56 2.28 -19.81 -36.75
CA SER C 56 0.89 -20.29 -36.82
C SER C 56 -0.12 -19.18 -37.06
N LEU C 57 0.26 -17.93 -36.83
CA LEU C 57 -0.67 -16.82 -37.04
C LEU C 57 -1.11 -16.91 -38.50
N PRO C 58 -2.43 -17.07 -38.72
CA PRO C 58 -3.05 -17.20 -40.04
C PRO C 58 -2.89 -16.13 -41.11
N PHE C 59 -2.28 -14.99 -40.79
CA PHE C 59 -2.11 -13.96 -41.81
C PHE C 59 -0.96 -14.30 -42.74
N GLN C 60 -1.00 -13.74 -43.95
CA GLN C 60 0.03 -14.00 -44.94
C GLN C 60 0.90 -12.77 -45.22
N LYS C 61 0.46 -11.63 -44.73
CA LYS C 61 1.19 -10.36 -44.85
C LYS C 61 0.89 -9.51 -43.64
N VAL C 62 1.93 -8.93 -43.05
CA VAL C 62 1.78 -8.08 -41.88
C VAL C 62 2.82 -6.98 -41.87
N GLN C 63 2.47 -5.87 -41.22
CA GLN C 63 3.36 -4.72 -41.11
C GLN C 63 3.19 -4.10 -39.73
N HIS C 64 4.31 -3.94 -39.03
CA HIS C 64 4.27 -3.33 -37.71
C HIS C 64 4.45 -1.82 -37.87
N ARG C 65 3.64 -1.07 -37.13
CA ARG C 65 3.74 0.38 -37.12
C ARG C 65 4.09 0.73 -35.69
N ILE C 66 5.24 1.35 -35.47
CA ILE C 66 5.63 1.74 -34.14
C ILE C 66 5.07 3.12 -33.81
N THR C 67 4.41 3.22 -32.66
CA THR C 67 3.83 4.47 -32.21
C THR C 67 4.72 5.03 -31.10
N THR C 68 5.08 4.18 -30.14
CA THR C 68 5.98 4.56 -29.06
C THR C 68 6.94 3.42 -28.79
N LEU C 69 8.16 3.79 -28.40
CA LEU C 69 9.19 2.82 -28.09
C LEU C 69 10.02 3.45 -26.98
N ASP C 70 10.03 2.80 -25.82
CA ASP C 70 10.75 3.32 -24.68
C ASP C 70 11.54 2.22 -24.01
N ALA C 71 12.78 2.53 -23.63
CA ALA C 71 13.64 1.55 -22.99
C ALA C 71 14.32 2.10 -21.76
N GLN C 72 14.68 1.18 -20.87
CA GLN C 72 15.37 1.51 -19.62
C GLN C 72 16.28 0.34 -19.31
N PRO C 73 17.42 0.61 -18.66
CA PRO C 73 18.29 -0.51 -18.31
C PRO C 73 17.48 -1.30 -17.28
N ALA C 74 17.43 -2.63 -17.43
CA ALA C 74 16.65 -3.47 -16.53
C ALA C 74 17.34 -3.80 -15.21
N SER C 75 18.64 -3.55 -15.15
CA SER C 75 19.43 -3.77 -13.95
C SER C 75 20.79 -3.15 -14.27
N PRO C 76 21.70 -3.12 -13.30
CA PRO C 76 22.98 -2.51 -13.64
C PRO C 76 23.91 -3.45 -14.42
N TYR C 77 23.41 -4.63 -14.77
CA TYR C 77 24.25 -5.59 -15.46
C TYR C 77 24.12 -5.77 -16.98
N GLY C 78 23.65 -4.74 -17.67
CA GLY C 78 23.56 -4.82 -19.12
C GLY C 78 22.29 -5.23 -19.84
N ASP C 79 21.29 -5.74 -19.11
CA ASP C 79 20.05 -6.12 -19.77
C ASP C 79 19.15 -4.91 -19.96
N VAL C 80 18.23 -5.00 -20.92
CA VAL C 80 17.37 -3.87 -21.22
C VAL C 80 15.88 -4.21 -21.28
N LEU C 81 15.05 -3.29 -20.81
CA LEU C 81 13.61 -3.46 -20.85
C LEU C 81 13.08 -2.49 -21.90
N VAL C 82 12.26 -3.00 -22.82
CA VAL C 82 11.73 -2.15 -23.88
C VAL C 82 10.21 -2.34 -23.98
N MET C 83 9.48 -1.23 -23.99
CA MET C 83 8.03 -1.30 -24.16
C MET C 83 7.69 -0.59 -25.46
N ILE C 84 6.90 -1.25 -26.30
CA ILE C 84 6.51 -0.70 -27.58
C ILE C 84 5.00 -0.69 -27.69
N THR C 85 4.44 0.37 -28.28
CA THR C 85 3.01 0.40 -28.55
C THR C 85 2.93 0.76 -30.03
N GLY C 86 1.92 0.23 -30.71
CA GLY C 86 1.79 0.53 -32.13
C GLY C 86 0.59 -0.14 -32.74
N ASP C 87 0.65 -0.30 -34.06
CA ASP C 87 -0.43 -0.93 -34.84
C ASP C 87 0.09 -2.10 -35.64
N LEU C 88 -0.79 -3.06 -35.87
CA LEU C 88 -0.46 -4.22 -36.68
C LEU C 88 -1.37 -4.03 -37.91
N LEU C 89 -0.78 -3.98 -39.10
CA LEU C 89 -1.57 -3.86 -40.32
C LEU C 89 -1.52 -5.25 -40.94
N ILE C 90 -2.63 -5.97 -40.80
CA ILE C 90 -2.76 -7.35 -41.26
C ILE C 90 -3.32 -7.50 -42.65
N ASP C 91 -2.61 -8.28 -43.46
CA ASP C 91 -2.99 -8.56 -44.84
C ASP C 91 -3.34 -7.28 -45.58
N GLU C 92 -4.53 -7.24 -46.18
CA GLU C 92 -4.99 -6.08 -46.92
C GLU C 92 -6.05 -5.33 -46.13
N GLU C 93 -6.06 -5.54 -44.81
CA GLU C 93 -7.03 -4.88 -43.96
C GLU C 93 -6.62 -3.43 -43.68
N GLN C 94 -7.58 -2.52 -43.66
CA GLN C 94 -7.28 -1.11 -43.38
C GLN C 94 -7.22 -0.88 -41.88
N ASN C 95 -8.32 -1.21 -41.20
CA ASN C 95 -8.45 -1.04 -39.76
C ASN C 95 -7.23 -1.62 -39.02
N PRO C 96 -6.29 -0.75 -38.64
CA PRO C 96 -5.09 -1.20 -37.92
C PRO C 96 -5.52 -1.73 -36.56
N GLN C 97 -4.77 -2.71 -36.06
CA GLN C 97 -5.07 -3.29 -34.75
C GLN C 97 -3.99 -2.83 -33.79
N ARG C 98 -4.39 -2.15 -32.74
CA ARG C 98 -3.43 -1.64 -31.75
C ARG C 98 -2.81 -2.77 -30.95
N PHE C 99 -1.53 -2.60 -30.60
CA PHE C 99 -0.83 -3.60 -29.81
C PHE C 99 0.14 -2.97 -28.83
N SER C 100 0.48 -3.74 -27.80
CA SER C 100 1.43 -3.33 -26.76
C SER C 100 2.35 -4.52 -26.61
N GLN C 101 3.64 -4.26 -26.52
CA GLN C 101 4.60 -5.35 -26.39
C GLN C 101 5.75 -4.95 -25.49
N VAL C 102 6.25 -5.92 -24.73
CA VAL C 102 7.36 -5.70 -23.84
C VAL C 102 8.42 -6.75 -24.12
N PHE C 103 9.68 -6.31 -24.19
CA PHE C 103 10.80 -7.20 -24.43
C PHE C 103 11.82 -7.04 -23.29
N HIS C 104 12.39 -8.14 -22.82
CA HIS C 104 13.44 -8.08 -21.81
C HIS C 104 14.62 -8.63 -22.60
N LEU C 105 15.55 -7.75 -22.95
CA LEU C 105 16.72 -8.09 -23.75
C LEU C 105 17.97 -8.40 -22.95
N ILE C 106 18.58 -9.55 -23.23
CA ILE C 106 19.80 -9.96 -22.53
C ILE C 106 20.98 -9.84 -23.49
N PRO C 107 22.07 -9.18 -23.05
CA PRO C 107 23.24 -9.03 -23.91
C PRO C 107 23.78 -10.37 -24.39
N ASP C 108 24.13 -10.42 -25.68
CA ASP C 108 24.66 -11.63 -26.29
C ASP C 108 25.45 -11.19 -27.53
N GLY C 109 26.77 -11.37 -27.48
CA GLY C 109 27.60 -10.97 -28.61
C GLY C 109 27.57 -9.45 -28.72
N ASN C 110 27.30 -8.95 -29.91
CA ASN C 110 27.23 -7.50 -30.13
C ASN C 110 25.77 -7.09 -30.22
N SER C 111 24.88 -7.96 -29.76
CA SER C 111 23.45 -7.69 -29.79
C SER C 111 22.78 -8.24 -28.54
N TYR C 112 21.57 -8.77 -28.71
CA TYR C 112 20.83 -9.36 -27.59
C TYR C 112 19.95 -10.51 -28.06
N TYR C 113 19.31 -11.15 -27.09
CA TYR C 113 18.35 -12.22 -27.37
C TYR C 113 17.18 -11.89 -26.45
N VAL C 114 15.98 -12.31 -26.82
CA VAL C 114 14.80 -12.03 -26.02
C VAL C 114 14.57 -13.08 -24.94
N PHE C 115 14.54 -12.63 -23.69
CA PHE C 115 14.30 -13.53 -22.56
C PHE C 115 12.82 -13.52 -22.22
N ASN C 116 12.24 -12.32 -22.20
CA ASN C 116 10.81 -12.13 -21.92
C ASN C 116 10.19 -11.42 -23.13
N ASP C 117 9.02 -11.91 -23.54
CA ASP C 117 8.29 -11.31 -24.66
C ASP C 117 6.81 -11.40 -24.27
N ILE C 118 6.18 -10.25 -24.05
CA ILE C 118 4.77 -10.20 -23.70
C ILE C 118 4.07 -9.37 -24.76
N PHE C 119 3.04 -9.94 -25.38
CA PHE C 119 2.33 -9.26 -26.46
C PHE C 119 0.82 -9.29 -26.28
N ARG C 120 0.18 -8.13 -26.47
CA ARG C 120 -1.26 -8.00 -26.34
C ARG C 120 -1.82 -7.06 -27.40
N LEU C 121 -3.01 -7.41 -27.90
CA LEU C 121 -3.73 -6.55 -28.84
C LEU C 121 -4.63 -5.75 -27.91
N ASN C 122 -4.95 -4.53 -28.30
CA ASN C 122 -5.80 -3.67 -27.50
C ASN C 122 -7.05 -3.23 -28.25
N TYR C 123 -8.20 -3.48 -27.62
CA TYR C 123 -9.46 -3.11 -28.23
C TYR C 123 -10.21 -2.08 -27.43
N SER C 124 -11.08 -1.39 -28.15
CA SER C 124 -11.92 -0.38 -27.55
C SER C 124 -13.34 -0.96 -27.32
N PHE D 5 0.03 -18.50 -10.55
CA PHE D 5 1.10 -17.83 -11.33
C PHE D 5 1.43 -16.45 -10.77
N ASN D 6 2.23 -16.48 -9.71
CA ASN D 6 2.66 -15.28 -9.01
C ASN D 6 1.47 -14.37 -8.73
N THR D 7 0.67 -14.79 -7.76
CA THR D 7 -0.49 -14.03 -7.34
C THR D 7 0.06 -12.79 -6.66
N LEU D 8 1.25 -12.94 -6.08
CA LEU D 8 1.94 -11.87 -5.36
C LEU D 8 2.16 -10.65 -6.24
N ALA D 9 2.69 -10.86 -7.44
CA ALA D 9 2.96 -9.77 -8.37
C ALA D 9 1.66 -9.13 -8.83
N GLN D 10 0.63 -9.96 -9.01
CA GLN D 10 -0.68 -9.48 -9.44
C GLN D 10 -1.29 -8.60 -8.34
N ASN D 11 -1.15 -9.03 -7.09
CA ASN D 11 -1.68 -8.28 -5.96
C ASN D 11 -0.92 -6.99 -5.74
N PHE D 12 0.40 -7.04 -5.90
CA PHE D 12 1.21 -5.83 -5.72
C PHE D 12 0.82 -4.77 -6.73
N THR D 13 0.59 -5.22 -7.96
CA THR D 13 0.20 -4.33 -9.03
C THR D 13 -1.15 -3.71 -8.71
N GLN D 14 -2.06 -4.53 -8.18
CA GLN D 14 -3.38 -4.01 -7.82
C GLN D 14 -3.24 -3.01 -6.67
N PHE D 15 -2.33 -3.27 -5.74
CA PHE D 15 -2.09 -2.37 -4.60
C PHE D 15 -1.62 -1.03 -5.15
N TYR D 16 -0.66 -1.08 -6.06
CA TYR D 16 -0.12 0.12 -6.66
C TYR D 16 -1.24 0.97 -7.25
N TYR D 17 -2.09 0.37 -8.08
CA TYR D 17 -3.17 1.12 -8.70
C TYR D 17 -4.20 1.66 -7.72
N ASN D 18 -4.52 0.89 -6.69
CA ASN D 18 -5.50 1.35 -5.70
C ASN D 18 -4.92 2.54 -4.96
N GLN D 19 -3.63 2.50 -4.66
CA GLN D 19 -2.99 3.60 -3.94
C GLN D 19 -2.89 4.82 -4.85
N PHE D 20 -2.61 4.60 -6.12
CA PHE D 20 -2.51 5.69 -7.09
C PHE D 20 -3.85 6.42 -7.12
N ASP D 21 -4.94 5.65 -7.10
CA ASP D 21 -6.28 6.23 -7.14
C ASP D 21 -6.66 6.88 -5.80
N THR D 22 -6.11 6.39 -4.71
CA THR D 22 -6.39 6.93 -3.39
C THR D 22 -5.61 8.23 -3.20
N ASP D 23 -4.28 8.12 -3.20
CA ASP D 23 -3.39 9.25 -3.02
C ASP D 23 -2.04 8.91 -3.63
N ARG D 24 -1.81 9.34 -4.86
CA ARG D 24 -0.56 9.04 -5.55
C ARG D 24 0.65 9.69 -4.90
N SER D 25 0.44 10.70 -4.06
CA SER D 25 1.56 11.37 -3.41
C SER D 25 2.23 10.43 -2.41
N GLN D 26 1.58 9.30 -2.13
CA GLN D 26 2.13 8.35 -1.18
C GLN D 26 2.74 7.10 -1.82
N LEU D 27 3.04 7.18 -3.11
CA LEU D 27 3.62 6.04 -3.81
C LEU D 27 5.13 5.87 -3.64
N GLY D 28 5.76 6.83 -2.94
CA GLY D 28 7.19 6.78 -2.73
C GLY D 28 7.78 5.50 -2.17
N ASN D 29 7.09 4.90 -1.21
CA ASN D 29 7.56 3.65 -0.59
C ASN D 29 7.73 2.50 -1.59
N LEU D 30 7.12 2.62 -2.75
CA LEU D 30 7.21 1.56 -3.74
C LEU D 30 8.39 1.70 -4.70
N TYR D 31 9.13 2.80 -4.57
CA TYR D 31 10.27 3.05 -5.44
C TYR D 31 11.54 3.20 -4.60
N ARG D 32 12.68 3.16 -5.26
CA ARG D 32 13.97 3.29 -4.60
C ARG D 32 14.83 4.32 -5.34
N ASN D 33 16.04 4.57 -4.85
CA ASN D 33 16.91 5.55 -5.48
C ASN D 33 17.28 5.28 -6.94
N GLU D 34 17.45 4.01 -7.29
CA GLU D 34 17.82 3.66 -8.65
C GLU D 34 16.61 3.42 -9.56
N SER D 35 15.41 3.49 -9.01
CA SER D 35 14.20 3.27 -9.79
C SER D 35 14.05 4.30 -10.90
N MET D 36 13.52 3.83 -12.03
CA MET D 36 13.33 4.70 -13.18
C MET D 36 11.89 4.72 -13.67
N LEU D 37 11.42 5.92 -14.00
CA LEU D 37 10.09 6.09 -14.52
C LEU D 37 10.10 6.82 -15.86
N THR D 38 9.46 6.24 -16.86
CA THR D 38 9.33 6.90 -18.14
C THR D 38 7.82 7.10 -18.27
N PHE D 39 7.40 8.34 -18.08
CA PHE D 39 5.98 8.69 -18.16
C PHE D 39 5.84 9.58 -19.38
N GLU D 40 5.18 9.06 -20.42
CA GLU D 40 5.03 9.81 -21.67
C GLU D 40 6.41 10.19 -22.19
N THR D 41 6.67 11.48 -22.36
CA THR D 41 7.98 11.93 -22.85
C THR D 41 8.94 12.26 -21.71
N SER D 42 8.46 12.12 -20.48
CA SER D 42 9.28 12.42 -19.29
C SER D 42 10.04 11.22 -18.74
N GLN D 43 11.26 11.49 -18.26
CA GLN D 43 12.11 10.44 -17.69
C GLN D 43 12.62 10.91 -16.34
N LEU D 44 12.29 10.16 -15.28
CA LEU D 44 12.70 10.51 -13.94
C LEU D 44 13.35 9.34 -13.19
N GLN D 45 14.24 9.67 -12.26
CA GLN D 45 14.93 8.65 -11.48
C GLN D 45 14.88 8.95 -9.98
N GLY D 46 14.67 7.92 -9.17
CA GLY D 46 14.58 8.10 -7.74
C GLY D 46 13.16 8.36 -7.31
N ALA D 47 12.76 7.81 -6.16
CA ALA D 47 11.41 7.98 -5.67
C ALA D 47 10.93 9.43 -5.59
N LYS D 48 11.79 10.33 -5.12
CA LYS D 48 11.41 11.74 -5.01
C LYS D 48 10.93 12.34 -6.33
N ASP D 49 11.79 12.30 -7.34
CA ASP D 49 11.44 12.84 -8.65
C ASP D 49 10.29 12.08 -9.30
N ILE D 50 10.23 10.77 -9.08
CA ILE D 50 9.17 9.95 -9.65
C ILE D 50 7.81 10.38 -9.09
N VAL D 51 7.71 10.38 -7.76
CA VAL D 51 6.46 10.77 -7.11
C VAL D 51 6.11 12.22 -7.45
N GLU D 52 7.12 13.06 -7.63
CA GLU D 52 6.87 14.46 -7.97
C GLU D 52 6.13 14.54 -9.29
N LYS D 53 6.58 13.73 -10.26
CA LYS D 53 5.96 13.70 -11.57
C LYS D 53 4.51 13.23 -11.49
N LEU D 54 4.28 12.18 -10.71
CA LEU D 54 2.92 11.65 -10.56
C LEU D 54 1.98 12.67 -9.93
N VAL D 55 2.44 13.35 -8.89
CA VAL D 55 1.62 14.35 -8.20
C VAL D 55 1.29 15.54 -9.12
N SER D 56 2.20 15.85 -10.05
CA SER D 56 2.00 16.98 -10.95
C SER D 56 0.88 16.76 -11.97
N LEU D 57 0.47 15.51 -12.15
CA LEU D 57 -0.61 15.19 -13.10
C LEU D 57 -1.85 16.03 -12.79
N PRO D 58 -2.39 16.75 -13.80
CA PRO D 58 -3.56 17.61 -13.70
C PRO D 58 -4.94 16.95 -13.57
N PHE D 59 -5.21 16.36 -12.40
CA PHE D 59 -6.51 15.76 -12.15
C PHE D 59 -6.76 15.51 -10.68
N GLN D 60 -7.97 15.86 -10.24
CA GLN D 60 -8.37 15.71 -8.85
C GLN D 60 -8.68 14.27 -8.49
N LYS D 61 -9.36 13.57 -9.41
CA LYS D 61 -9.75 12.18 -9.18
C LYS D 61 -9.36 11.31 -10.37
N VAL D 62 -8.86 10.11 -10.07
CA VAL D 62 -8.46 9.18 -11.12
C VAL D 62 -8.80 7.76 -10.69
N GLN D 63 -9.18 6.93 -11.67
CA GLN D 63 -9.53 5.54 -11.40
C GLN D 63 -8.98 4.64 -12.49
N HIS D 64 -8.16 3.67 -12.10
CA HIS D 64 -7.59 2.73 -13.05
C HIS D 64 -8.53 1.55 -13.24
N ARG D 65 -8.66 1.12 -14.49
CA ARG D 65 -9.47 -0.02 -14.84
C ARG D 65 -8.57 -0.90 -15.68
N ILE D 66 -8.19 -2.05 -15.15
CA ILE D 66 -7.31 -2.96 -15.85
C ILE D 66 -8.04 -3.82 -16.88
N THR D 67 -7.50 -3.87 -18.09
CA THR D 67 -8.10 -4.68 -19.15
C THR D 67 -7.33 -5.99 -19.22
N THR D 68 -6.00 -5.89 -19.19
CA THR D 68 -5.15 -7.08 -19.23
C THR D 68 -3.96 -6.87 -18.29
N LEU D 69 -3.53 -7.95 -17.65
CA LEU D 69 -2.38 -7.90 -16.76
C LEU D 69 -1.67 -9.22 -16.95
N ASP D 70 -0.48 -9.14 -17.52
CA ASP D 70 0.32 -10.34 -17.79
C ASP D 70 1.69 -10.25 -17.13
N ALA D 71 2.04 -11.32 -16.42
CA ALA D 71 3.31 -11.37 -15.71
C ALA D 71 4.18 -12.54 -16.16
N GLN D 72 5.49 -12.36 -16.01
CA GLN D 72 6.46 -13.40 -16.36
C GLN D 72 7.66 -13.23 -15.46
N PRO D 73 8.31 -14.34 -15.10
CA PRO D 73 9.50 -14.23 -14.24
C PRO D 73 10.51 -13.44 -15.08
N ALA D 74 11.10 -12.39 -14.52
CA ALA D 74 12.06 -11.58 -15.26
C ALA D 74 13.41 -12.29 -15.30
N SER D 75 13.56 -13.26 -14.42
CA SER D 75 14.78 -14.06 -14.34
C SER D 75 14.38 -15.25 -13.49
N PRO D 76 15.30 -16.20 -13.27
CA PRO D 76 14.96 -17.38 -12.46
C PRO D 76 15.01 -17.08 -10.97
N TYR D 77 15.51 -15.90 -10.63
CA TYR D 77 15.72 -15.55 -9.23
C TYR D 77 14.67 -14.84 -8.38
N GLY D 78 13.57 -14.38 -8.98
CA GLY D 78 12.56 -13.74 -8.15
C GLY D 78 11.91 -12.48 -8.66
N ASP D 79 12.61 -11.71 -9.48
CA ASP D 79 12.03 -10.48 -10.01
C ASP D 79 10.99 -10.82 -11.04
N VAL D 80 10.05 -9.91 -11.25
CA VAL D 80 8.94 -10.16 -12.14
C VAL D 80 8.68 -9.02 -13.09
N LEU D 81 8.26 -9.36 -14.31
CA LEU D 81 7.93 -8.37 -15.31
C LEU D 81 6.41 -8.43 -15.44
N VAL D 82 5.77 -7.26 -15.42
CA VAL D 82 4.32 -7.19 -15.53
C VAL D 82 3.89 -6.16 -16.55
N MET D 83 3.09 -6.58 -17.53
CA MET D 83 2.60 -5.63 -18.52
C MET D 83 1.11 -5.45 -18.30
N ILE D 84 0.65 -4.20 -18.33
CA ILE D 84 -0.76 -3.90 -18.11
C ILE D 84 -1.32 -3.00 -19.21
N THR D 85 -2.54 -3.27 -19.64
CA THR D 85 -3.20 -2.40 -20.61
C THR D 85 -4.53 -2.10 -19.93
N GLY D 86 -5.05 -0.90 -20.12
CA GLY D 86 -6.32 -0.55 -19.50
C GLY D 86 -6.68 0.89 -19.75
N ASP D 87 -7.50 1.46 -18.88
CA ASP D 87 -7.84 2.86 -19.07
C ASP D 87 -7.98 3.57 -17.74
N LEU D 88 -7.93 4.90 -17.80
CA LEU D 88 -8.06 5.74 -16.63
C LEU D 88 -9.34 6.54 -16.74
N LEU D 89 -10.06 6.64 -15.63
CA LEU D 89 -11.28 7.43 -15.56
C LEU D 89 -10.81 8.66 -14.81
N ILE D 90 -10.59 9.74 -15.54
CA ILE D 90 -10.11 10.98 -14.95
C ILE D 90 -11.26 11.92 -14.61
N ASP D 91 -11.31 12.32 -13.34
CA ASP D 91 -12.35 13.21 -12.85
C ASP D 91 -13.70 12.67 -13.33
N GLU D 92 -14.27 13.34 -14.32
CA GLU D 92 -15.53 12.94 -14.90
C GLU D 92 -15.54 13.30 -16.38
N GLU D 93 -14.35 13.36 -16.97
CA GLU D 93 -14.23 13.68 -18.38
C GLU D 93 -14.96 12.59 -19.17
N GLN D 94 -15.54 12.97 -20.31
CA GLN D 94 -16.29 12.06 -21.16
C GLN D 94 -15.80 10.61 -21.16
N ASN D 95 -14.97 10.27 -22.15
CA ASN D 95 -14.44 8.91 -22.29
C ASN D 95 -13.24 8.63 -21.40
N PRO D 96 -12.84 7.35 -21.31
CA PRO D 96 -11.70 6.94 -20.50
C PRO D 96 -10.40 7.14 -21.30
N GLN D 97 -9.29 7.20 -20.59
CA GLN D 97 -7.97 7.40 -21.20
C GLN D 97 -7.24 6.05 -21.20
N ARG D 98 -6.98 5.54 -22.40
CA ARG D 98 -6.30 4.25 -22.54
C ARG D 98 -4.80 4.38 -22.28
N PHE D 99 -4.21 3.30 -21.76
CA PHE D 99 -2.79 3.32 -21.46
C PHE D 99 -2.16 1.93 -21.47
N SER D 100 -0.83 1.90 -21.51
CA SER D 100 -0.06 0.66 -21.45
C SER D 100 1.01 0.93 -20.40
N GLN D 101 1.34 -0.08 -19.60
CA GLN D 101 2.34 0.11 -18.58
C GLN D 101 3.10 -1.17 -18.32
N VAL D 102 4.37 -1.04 -18.00
CA VAL D 102 5.16 -2.21 -17.66
C VAL D 102 5.94 -1.92 -16.39
N PHE D 103 5.97 -2.90 -15.50
CA PHE D 103 6.70 -2.80 -14.25
C PHE D 103 7.73 -3.94 -14.15
N HIS D 104 8.90 -3.63 -13.61
CA HIS D 104 9.91 -4.65 -13.37
C HIS D 104 9.92 -4.61 -11.84
N LEU D 105 9.39 -5.66 -11.23
CA LEU D 105 9.29 -5.75 -9.78
C LEU D 105 10.41 -6.58 -9.17
N ILE D 106 11.01 -6.03 -8.13
CA ILE D 106 12.11 -6.69 -7.43
C ILE D 106 11.67 -7.05 -6.02
N PRO D 107 11.88 -8.31 -5.60
CA PRO D 107 11.49 -8.74 -4.26
C PRO D 107 12.20 -7.96 -3.15
N ASP D 108 11.45 -7.65 -2.11
CA ASP D 108 11.96 -6.95 -0.93
C ASP D 108 11.16 -7.60 0.20
N GLY D 109 11.77 -8.54 0.90
CA GLY D 109 11.04 -9.24 1.94
C GLY D 109 10.02 -10.07 1.18
N ASN D 110 8.76 -10.03 1.59
CA ASN D 110 7.73 -10.78 0.89
C ASN D 110 6.83 -9.86 0.07
N SER D 111 7.44 -8.80 -0.46
CA SER D 111 6.73 -7.84 -1.29
C SER D 111 7.72 -7.39 -2.35
N TYR D 112 7.43 -6.28 -3.01
CA TYR D 112 8.33 -5.77 -4.06
C TYR D 112 8.48 -4.27 -4.03
N TYR D 113 9.35 -3.79 -4.90
CA TYR D 113 9.54 -2.38 -5.13
C TYR D 113 9.71 -2.29 -6.64
N VAL D 114 9.27 -1.20 -7.23
CA VAL D 114 9.34 -1.00 -8.67
C VAL D 114 10.71 -0.48 -9.08
N PHE D 115 11.42 -1.22 -9.91
CA PHE D 115 12.72 -0.78 -10.38
C PHE D 115 12.55 -0.07 -11.72
N ASN D 116 11.70 -0.64 -12.58
CA ASN D 116 11.40 -0.05 -13.89
C ASN D 116 9.92 0.22 -13.99
N ASP D 117 9.57 1.40 -14.48
CA ASP D 117 8.19 1.78 -14.66
C ASP D 117 8.10 2.55 -15.97
N ILE D 118 7.41 1.98 -16.95
CA ILE D 118 7.22 2.64 -18.24
C ILE D 118 5.72 2.77 -18.46
N PHE D 119 5.29 4.00 -18.70
CA PHE D 119 3.87 4.30 -18.87
C PHE D 119 3.66 5.20 -20.07
N ARG D 120 2.77 4.80 -20.97
CA ARG D 120 2.46 5.61 -22.14
C ARG D 120 0.96 5.65 -22.33
N LEU D 121 0.44 6.83 -22.65
CA LEU D 121 -0.99 6.99 -22.88
C LEU D 121 -1.24 6.86 -24.38
N ASN D 122 -2.42 6.38 -24.73
CA ASN D 122 -2.78 6.22 -26.14
C ASN D 122 -3.81 7.31 -26.48
N TYR D 123 -3.66 7.93 -27.65
CA TYR D 123 -4.57 9.00 -28.09
C TYR D 123 -5.70 8.55 -29.00
N SER D 124 -6.06 7.27 -28.95
CA SER D 124 -7.14 6.71 -29.80
C SER D 124 -8.50 6.97 -29.16
N GLY E 3 6.41 -11.04 27.49
CA GLY E 3 6.84 -11.49 26.19
C GLY E 3 6.74 -10.46 25.10
N PHE E 4 7.44 -9.39 25.39
CA PHE E 4 7.60 -8.21 24.58
C PHE E 4 8.89 -7.70 25.19
N SER E 5 9.98 -7.80 24.47
CA SER E 5 11.22 -7.33 25.04
C SER E 5 12.02 -6.48 24.07
N PHE E 6 12.99 -5.77 24.61
CA PHE E 6 13.86 -4.92 23.81
C PHE E 6 15.29 -5.14 24.25
N GLY E 7 16.24 -4.82 23.39
CA GLY E 7 17.62 -5.02 23.77
C GLY E 7 18.45 -3.75 23.67
N PHE F 4 -2.82 21.24 17.51
CA PHE F 4 -2.12 21.38 18.82
C PHE F 4 -0.85 22.21 18.65
N SER F 5 -0.03 22.26 19.72
CA SER F 5 1.24 22.99 19.71
C SER F 5 2.33 22.06 19.17
N PHE F 6 1.92 20.84 18.83
CA PHE F 6 2.79 19.82 18.27
C PHE F 6 2.21 19.43 16.91
N GLY G 3 18.01 9.59 -20.04
CA GLY G 3 18.94 8.59 -20.52
C GLY G 3 19.92 8.11 -19.41
N PHE G 4 19.36 7.93 -18.19
CA PHE G 4 19.93 7.51 -16.84
C PHE G 4 21.26 6.78 -16.51
N SER G 5 21.59 6.72 -15.19
CA SER G 5 22.87 6.17 -14.63
C SER G 5 22.78 5.38 -13.27
N PHE G 6 23.96 5.04 -12.69
CA PHE G 6 24.14 4.31 -11.40
C PHE G 6 25.48 4.74 -10.79
N PHE H 4 4.84 -21.45 -17.01
CA PHE H 4 6.11 -21.73 -17.75
C PHE H 4 6.92 -22.77 -16.98
N SER H 5 8.21 -22.50 -16.82
CA SER H 5 9.13 -23.39 -16.11
C SER H 5 9.70 -22.66 -14.89
N PHE H 6 8.96 -21.65 -14.44
CA PHE H 6 9.33 -20.86 -13.28
C PHE H 6 8.12 -20.66 -12.37
#